data_3ZS3
#
_entry.id   3ZS3
#
_cell.length_a   40.662
_cell.length_b   54.060
_cell.length_c   45.239
_cell.angle_alpha   90.00
_cell.angle_beta   113.81
_cell.angle_gamma   90.00
#
_symmetry.space_group_name_H-M   'P 1 21 1'
#
loop_
_entity.id
_entity.type
_entity.pdbx_description
1 polymer 'THAUMATIN-LIKE PROTEIN'
2 non-polymer 'SUCCINIC ACID'
3 non-polymer 'ACETATE ION'
4 non-polymer 'FORMIC ACID'
5 non-polymer 'ACETIC ACID'
6 water water
#
_entity_poly.entity_id   1
_entity_poly.type   'polypeptide(L)'
_entity_poly.pdbx_seq_one_letter_code
;AKITFTNNCPNTVWPGTLTGDQKPQLSLTGFELASKASRSVDAPSPWSGRFWGRTRCSTDAAGKFTCETADCGSGQVACN
GAGAVPPATLVEITIAANGGQDYYDVSLVDGFNLPMSVAPQGGTGECKPSSCPANVNKVCPAPLQVKAADGSVISCKSAC
LAFGDSKYCCTPPNNTPETCPPTEYSEIFEKQCPQAYSYAYDDKNSTFTCSGGPDYVITFCP
;
_entity_poly.pdbx_strand_id   A
#
# COMPACT_ATOMS: atom_id res chain seq x y z
N ALA A 1 -0.10 -13.38 13.70
CA ALA A 1 -1.34 -12.81 13.10
C ALA A 1 -1.54 -13.40 11.72
N LYS A 2 -2.80 -13.64 11.36
CA LYS A 2 -3.11 -14.09 10.02
C LYS A 2 -3.50 -12.85 9.21
N ILE A 3 -2.88 -12.70 8.05
CA ILE A 3 -3.20 -11.59 7.15
C ILE A 3 -3.90 -12.18 5.93
N THR A 4 -5.18 -11.87 5.75
CA THR A 4 -5.93 -12.42 4.63
C THR A 4 -6.12 -11.33 3.60
N PHE A 5 -5.75 -11.63 2.36
CA PHE A 5 -5.91 -10.73 1.22
C PHE A 5 -7.15 -11.15 0.46
N THR A 6 -7.94 -10.17 0.05
CA THR A 6 -9.15 -10.42 -0.73
C THR A 6 -9.18 -9.48 -1.92
N ASN A 7 -9.30 -10.05 -3.11
CA ASN A 7 -9.42 -9.22 -4.31
C ASN A 7 -10.88 -8.99 -4.69
N ASN A 8 -11.39 -7.80 -4.40
CA ASN A 8 -12.73 -7.43 -4.81
C ASN A 8 -12.75 -6.72 -6.17
N CYS A 9 -11.59 -6.61 -6.82
CA CYS A 9 -11.49 -5.98 -8.12
C CYS A 9 -12.01 -6.91 -9.21
N PRO A 10 -12.45 -6.34 -10.35
CA PRO A 10 -12.93 -7.20 -11.44
C PRO A 10 -11.83 -7.94 -12.20
N ASN A 11 -10.56 -7.59 -11.94
CA ASN A 11 -9.43 -8.22 -12.63
C ASN A 11 -8.45 -8.77 -11.61
N THR A 12 -7.55 -9.63 -12.09
CA THR A 12 -6.53 -10.26 -11.26
C THR A 12 -5.62 -9.20 -10.68
N VAL A 13 -5.24 -9.40 -9.42
CA VAL A 13 -4.23 -8.58 -8.74
C VAL A 13 -3.16 -9.56 -8.25
N TRP A 14 -1.91 -9.12 -8.23
CA TRP A 14 -0.81 -9.91 -7.68
C TRP A 14 -0.21 -9.20 -6.48
N PRO A 15 -0.68 -9.53 -5.27
CA PRO A 15 -0.11 -8.88 -4.08
C PRO A 15 1.39 -9.14 -3.88
N GLY A 16 2.02 -8.21 -3.18
CA GLY A 16 3.35 -8.37 -2.68
C GLY A 16 3.39 -8.09 -1.20
N THR A 17 4.39 -8.66 -0.52
CA THR A 17 4.59 -8.41 0.90
C THR A 17 6.08 -8.10 1.12
N LEU A 18 6.35 -7.24 2.07
CA LEU A 18 7.72 -6.90 2.37
C LEU A 18 7.88 -6.67 3.87
N THR A 19 8.80 -7.39 4.49
CA THR A 19 9.09 -7.19 5.91
C THR A 19 10.15 -6.12 6.00
N GLY A 20 9.89 -5.12 6.85
CA GLY A 20 10.89 -4.09 7.16
C GLY A 20 11.75 -4.39 8.38
N ASP A 21 12.51 -3.37 8.79
CA ASP A 21 13.34 -3.43 10.01
C ASP A 21 14.40 -4.53 9.93
N GLN A 22 14.78 -4.88 8.70
CA GLN A 22 15.83 -5.86 8.42
C GLN A 22 15.43 -7.26 8.84
N LYS A 23 14.16 -7.50 9.11
CA LYS A 23 13.71 -8.79 9.62
CA LYS A 23 13.72 -8.81 9.61
C LYS A 23 13.31 -9.77 8.51
N PRO A 24 13.14 -11.07 8.86
CA PRO A 24 12.93 -12.04 7.77
C PRO A 24 11.61 -11.86 7.03
N GLN A 25 11.63 -12.08 5.71
CA GLN A 25 10.42 -12.03 4.91
C GLN A 25 9.41 -13.06 5.34
N LEU A 26 8.13 -12.74 5.09
CA LEU A 26 7.05 -13.70 5.32
C LEU A 26 7.15 -14.88 4.36
N SER A 27 6.39 -15.94 4.62
CA SER A 27 6.50 -17.15 3.80
C SER A 27 6.10 -16.90 2.34
N LEU A 28 5.17 -15.98 2.14
CA LEU A 28 4.76 -15.52 0.81
C LEU A 28 5.14 -14.07 0.64
N THR A 29 5.92 -13.78 -0.40
CA THR A 29 6.33 -12.41 -0.73
C THR A 29 5.63 -11.89 -1.99
N GLY A 30 4.90 -12.78 -2.66
CA GLY A 30 4.13 -12.38 -3.83
C GLY A 30 3.28 -13.55 -4.27
N PHE A 31 2.09 -13.27 -4.79
CA PHE A 31 1.22 -14.35 -5.25
C PHE A 31 0.15 -13.80 -6.19
N GLU A 32 -0.62 -14.72 -6.80
CA GLU A 32 -1.68 -14.35 -7.72
C GLU A 32 -3.01 -14.39 -6.98
N LEU A 33 -3.84 -13.37 -7.18
CA LEU A 33 -5.14 -13.34 -6.56
C LEU A 33 -6.17 -13.01 -7.65
N ALA A 34 -6.83 -14.05 -8.16
CA ALA A 34 -7.88 -13.88 -9.17
C ALA A 34 -8.98 -12.96 -8.63
N SER A 35 -9.75 -12.36 -9.55
CA SER A 35 -10.91 -11.56 -9.12
C SER A 35 -11.74 -12.41 -8.18
N LYS A 36 -12.06 -11.83 -7.02
CA LYS A 36 -12.94 -12.39 -5.97
C LYS A 36 -12.28 -13.45 -5.08
N ALA A 37 -11.03 -13.78 -5.40
CA ALA A 37 -10.30 -14.78 -4.64
C ALA A 37 -9.66 -14.17 -3.38
N SER A 38 -9.37 -15.04 -2.42
CA SER A 38 -8.67 -14.69 -1.18
C SER A 38 -7.47 -15.62 -0.96
N ARG A 39 -6.50 -15.14 -0.18
CA ARG A 39 -5.32 -15.94 0.20
C ARG A 39 -4.77 -15.37 1.51
N SER A 40 -4.21 -16.23 2.37
CA SER A 40 -3.66 -15.76 3.65
C SER A 40 -2.18 -16.02 3.79
N VAL A 41 -1.56 -15.20 4.64
CA VAL A 41 -0.17 -15.39 5.03
CA VAL A 41 -0.14 -15.35 5.01
C VAL A 41 -0.05 -15.03 6.50
N ASP A 42 0.84 -15.72 7.22
CA ASP A 42 1.03 -15.45 8.64
C ASP A 42 2.17 -14.46 8.86
N ALA A 43 1.99 -13.62 9.87
CA ALA A 43 3.05 -12.69 10.28
C ALA A 43 3.39 -12.95 11.75
N PRO A 44 4.68 -12.81 12.09
CA PRO A 44 5.12 -12.97 13.47
C PRO A 44 4.85 -11.70 14.29
N SER A 45 5.25 -11.73 15.56
CA SER A 45 5.22 -10.51 16.37
C SER A 45 6.55 -10.36 17.07
N PRO A 46 7.12 -9.16 17.07
CA PRO A 46 6.64 -7.98 16.38
C PRO A 46 6.99 -8.11 14.89
N TRP A 47 6.40 -7.24 14.07
CA TRP A 47 6.63 -7.28 12.63
C TRP A 47 6.28 -5.90 12.11
N SER A 48 7.07 -5.38 11.18
CA SER A 48 6.68 -4.13 10.56
C SER A 48 6.99 -4.25 9.08
N GLY A 49 6.03 -3.90 8.26
CA GLY A 49 6.24 -4.01 6.82
C GLY A 49 5.08 -3.47 6.05
N ARG A 50 5.03 -3.84 4.77
CA ARG A 50 4.11 -3.22 3.84
C ARG A 50 3.58 -4.26 2.86
N PHE A 51 2.40 -3.95 2.33
CA PHE A 51 1.67 -4.79 1.38
C PHE A 51 1.16 -3.92 0.24
N TRP A 52 1.08 -4.50 -0.95
CA TRP A 52 0.62 -3.77 -2.12
C TRP A 52 0.06 -4.79 -3.11
N GLY A 53 -0.56 -4.30 -4.17
CA GLY A 53 -1.03 -5.18 -5.23
C GLY A 53 -0.46 -4.71 -6.54
N ARG A 54 0.04 -5.65 -7.33
CA ARG A 54 0.53 -5.34 -8.66
C ARG A 54 -0.57 -5.61 -9.66
N THR A 55 -0.60 -4.83 -10.74
CA THR A 55 -1.61 -5.04 -11.79
C THR A 55 -0.95 -5.21 -13.15
N ARG A 56 -1.72 -5.79 -14.06
CA ARG A 56 -1.30 -5.94 -15.45
C ARG A 56 0.04 -6.67 -15.51
N CYS A 57 0.07 -7.81 -14.82
CA CYS A 57 1.21 -8.67 -14.79
C CYS A 57 1.12 -9.75 -15.84
N SER A 58 2.29 -10.17 -16.28
CA SER A 58 2.43 -11.31 -17.18
C SER A 58 3.89 -11.73 -17.16
N THR A 59 4.09 -13.03 -17.36
CA THR A 59 5.40 -13.54 -17.67
C THR A 59 5.67 -13.03 -19.08
N ASP A 60 6.81 -12.36 -19.24
CA ASP A 60 7.12 -11.69 -20.50
C ASP A 60 7.77 -12.64 -21.50
N ALA A 61 8.15 -12.12 -22.67
CA ALA A 61 8.68 -12.97 -23.77
C ALA A 61 10.01 -13.64 -23.36
N ALA A 62 10.67 -13.08 -22.36
CA ALA A 62 11.95 -13.60 -21.85
C ALA A 62 11.74 -14.59 -20.71
N GLY A 63 10.48 -14.81 -20.34
CA GLY A 63 10.15 -15.76 -19.27
C GLY A 63 10.23 -15.14 -17.87
N LYS A 64 10.23 -13.81 -17.81
CA LYS A 64 10.31 -13.10 -16.53
C LYS A 64 8.93 -12.51 -16.20
N PHE A 65 8.51 -12.69 -14.95
CA PHE A 65 7.27 -12.10 -14.46
C PHE A 65 7.44 -10.58 -14.28
N THR A 66 6.69 -9.79 -15.05
CA THR A 66 6.74 -8.33 -14.98
C THR A 66 5.34 -7.76 -14.94
N CYS A 67 5.18 -6.64 -14.24
CA CYS A 67 3.87 -6.00 -14.03
C CYS A 67 3.94 -4.53 -14.43
N GLU A 68 2.84 -4.01 -14.98
CA GLU A 68 2.83 -2.61 -15.42
C GLU A 68 2.71 -1.66 -14.23
N THR A 69 2.16 -2.13 -13.11
CA THR A 69 2.19 -1.31 -11.89
C THR A 69 2.80 -2.07 -10.72
N ALA A 70 3.54 -1.33 -9.90
CA ALA A 70 4.13 -1.81 -8.62
C ALA A 70 5.04 -3.05 -8.74
N ASP A 71 5.67 -3.22 -9.90
CA ASP A 71 6.54 -4.36 -10.13
C ASP A 71 7.65 -4.38 -9.10
N CYS A 72 8.06 -5.56 -8.66
CA CYS A 72 9.09 -5.63 -7.61
C CYS A 72 10.44 -6.08 -8.16
N GLY A 73 10.50 -6.32 -9.47
CA GLY A 73 11.76 -6.50 -10.15
C GLY A 73 12.42 -7.83 -9.94
N SER A 74 11.69 -8.80 -9.39
CA SER A 74 12.30 -10.08 -9.08
C SER A 74 12.30 -11.02 -10.28
N GLY A 75 11.47 -10.71 -11.27
CA GLY A 75 11.24 -11.62 -12.40
C GLY A 75 10.40 -12.84 -12.06
N GLN A 76 9.87 -12.87 -10.84
CA GLN A 76 8.99 -13.94 -10.38
C GLN A 76 7.73 -13.38 -9.77
N VAL A 77 6.74 -14.26 -9.56
CA VAL A 77 5.57 -13.87 -8.80
C VAL A 77 6.00 -13.49 -7.38
N ALA A 78 6.85 -14.33 -6.77
CA ALA A 78 7.42 -13.96 -5.45
C ALA A 78 8.28 -12.70 -5.58
N CYS A 79 8.17 -11.76 -4.64
CA CYS A 79 9.02 -10.55 -4.68
C CYS A 79 10.35 -10.73 -3.95
N ASN A 80 10.44 -11.78 -3.12
CA ASN A 80 11.73 -12.22 -2.58
C ASN A 80 12.44 -11.18 -1.74
N GLY A 81 11.68 -10.32 -1.07
CA GLY A 81 12.26 -9.30 -0.21
C GLY A 81 12.55 -7.99 -0.92
N ALA A 82 11.99 -7.81 -2.11
CA ALA A 82 12.06 -6.54 -2.83
C ALA A 82 10.74 -5.81 -2.69
N GLY A 83 10.81 -4.49 -2.67
CA GLY A 83 9.61 -3.67 -2.62
C GLY A 83 9.14 -3.27 -4.00
N ALA A 84 7.98 -2.64 -4.05
CA ALA A 84 7.37 -2.19 -5.29
C ALA A 84 8.07 -0.97 -5.89
N VAL A 85 8.20 -0.94 -7.22
CA VAL A 85 8.53 0.30 -7.93
C VAL A 85 7.27 1.15 -7.95
N PRO A 86 7.28 2.28 -7.22
CA PRO A 86 6.10 3.11 -7.11
C PRO A 86 5.84 3.83 -8.46
N PRO A 87 4.63 4.39 -8.64
CA PRO A 87 3.57 4.52 -7.62
C PRO A 87 2.84 3.25 -7.27
N ALA A 88 2.46 3.14 -6.00
CA ALA A 88 1.70 2.02 -5.51
C ALA A 88 0.98 2.42 -4.25
N THR A 89 -0.30 2.07 -4.19
CA THR A 89 -1.05 2.13 -2.93
C THR A 89 -0.39 1.14 -1.96
N LEU A 90 -0.24 1.54 -0.69
CA LEU A 90 0.39 0.67 0.29
C LEU A 90 -0.53 0.48 1.48
N VAL A 91 -0.53 -0.74 2.03
CA VAL A 91 -0.98 -0.95 3.41
C VAL A 91 0.28 -1.16 4.23
N GLU A 92 0.37 -0.45 5.36
CA GLU A 92 1.49 -0.60 6.27
C GLU A 92 0.92 -1.12 7.56
N ILE A 93 1.60 -2.08 8.17
CA ILE A 93 1.19 -2.60 9.48
C ILE A 93 2.43 -2.74 10.35
N THR A 94 2.35 -2.24 11.59
CA THR A 94 3.30 -2.62 12.61
C THR A 94 2.55 -3.50 13.62
N ILE A 95 2.96 -4.77 13.68
CA ILE A 95 2.43 -5.71 14.67
C ILE A 95 3.27 -5.58 15.93
N ALA A 96 2.61 -5.31 17.05
CA ALA A 96 3.28 -5.03 18.30
C ALA A 96 4.00 -6.25 18.86
N ALA A 97 5.06 -6.01 19.62
CA ALA A 97 5.65 -7.05 20.43
C ALA A 97 4.69 -7.39 21.57
N ASN A 98 4.73 -8.65 22.00
CA ASN A 98 4.08 -9.12 23.23
C ASN A 98 2.61 -8.71 23.34
N GLY A 99 1.87 -8.93 22.25
CA GLY A 99 0.42 -8.72 22.22
C GLY A 99 -0.03 -7.27 22.40
N GLY A 100 0.88 -6.33 22.15
CA GLY A 100 0.62 -4.90 22.35
C GLY A 100 -0.22 -4.25 21.27
N GLN A 101 -0.11 -2.93 21.17
CA GLN A 101 -0.96 -2.16 20.27
C GLN A 101 -0.35 -2.08 18.87
N ASP A 102 -0.95 -2.80 17.93
CA ASP A 102 -0.56 -2.68 16.52
C ASP A 102 -0.99 -1.32 16.02
N TYR A 103 -0.36 -0.83 14.96
CA TYR A 103 -0.89 0.32 14.25
C TYR A 103 -0.67 0.08 12.76
N TYR A 104 -1.48 0.74 11.96
CA TYR A 104 -1.59 0.37 10.53
C TYR A 104 -2.26 1.50 9.77
N ASP A 105 -2.22 1.41 8.45
CA ASP A 105 -2.90 2.37 7.61
C ASP A 105 -2.85 1.94 6.17
N VAL A 106 -3.71 2.57 5.36
CA VAL A 106 -3.50 2.69 3.92
C VAL A 106 -2.77 4.01 3.71
N SER A 107 -1.75 3.97 2.86
CA SER A 107 -0.93 5.13 2.56
C SER A 107 -0.80 5.40 1.06
N LEU A 108 -0.97 6.68 0.71
CA LEU A 108 -0.75 7.13 -0.66
C LEU A 108 0.50 7.98 -0.74
N VAL A 109 1.40 7.83 0.23
CA VAL A 109 2.64 8.63 0.24
C VAL A 109 3.48 8.31 -0.99
N ASP A 110 3.45 7.06 -1.42
CA ASP A 110 4.11 6.63 -2.66
C ASP A 110 3.14 6.55 -3.84
N GLY A 111 2.08 7.34 -3.80
CA GLY A 111 1.11 7.34 -4.90
C GLY A 111 0.03 6.30 -4.76
N PHE A 112 -0.58 5.98 -5.89
CA PHE A 112 -1.75 5.13 -5.92
C PHE A 112 -1.68 4.25 -7.14
N ASN A 113 -2.14 3.01 -7.02
CA ASN A 113 -2.43 2.21 -8.22
C ASN A 113 -3.77 1.50 -8.15
N LEU A 114 -4.10 1.00 -6.95
CA LEU A 114 -5.31 0.22 -6.68
C LEU A 114 -5.97 0.71 -5.40
N PRO A 115 -7.32 0.69 -5.35
CA PRO A 115 -7.97 1.00 -4.07
C PRO A 115 -7.72 -0.17 -3.09
N MET A 116 -7.49 0.17 -1.82
CA MET A 116 -7.17 -0.84 -0.81
C MET A 116 -7.76 -0.43 0.52
N SER A 117 -8.14 -1.43 1.31
CA SER A 117 -8.45 -1.21 2.73
C SER A 117 -7.71 -2.23 3.58
N VAL A 118 -7.55 -1.89 4.85
CA VAL A 118 -7.00 -2.82 5.84
C VAL A 118 -7.87 -2.70 7.08
N ALA A 119 -8.24 -3.85 7.65
CA ALA A 119 -9.13 -3.86 8.82
C ALA A 119 -8.71 -4.99 9.75
N PRO A 120 -8.44 -4.66 11.03
CA PRO A 120 -8.16 -5.74 11.97
C PRO A 120 -9.41 -6.56 12.30
N GLN A 121 -9.20 -7.83 12.63
CA GLN A 121 -10.27 -8.74 12.98
C GLN A 121 -9.94 -9.23 14.37
N GLY A 122 -10.87 -9.04 15.30
CA GLY A 122 -10.60 -9.34 16.69
C GLY A 122 -9.69 -8.29 17.30
N GLY A 123 -8.92 -8.71 18.30
CA GLY A 123 -8.12 -7.77 19.06
C GLY A 123 -9.00 -6.92 19.95
N THR A 124 -8.40 -5.89 20.55
CA THR A 124 -9.10 -5.01 21.46
C THR A 124 -8.62 -3.58 21.26
N GLY A 125 -9.51 -2.61 21.49
CA GLY A 125 -9.18 -1.21 21.30
C GLY A 125 -10.02 -0.61 20.20
N GLU A 126 -9.51 0.45 19.59
CA GLU A 126 -10.24 1.15 18.53
C GLU A 126 -10.47 0.22 17.35
N CYS A 127 -9.38 -0.28 16.75
CA CYS A 127 -9.44 -1.33 15.74
C CYS A 127 -10.33 -0.91 14.56
N LYS A 128 -10.18 0.35 14.14
CA LYS A 128 -10.97 0.86 13.02
C LYS A 128 -10.25 0.64 11.70
N PRO A 129 -11.00 0.45 10.60
CA PRO A 129 -10.35 0.21 9.31
C PRO A 129 -9.77 1.48 8.70
N SER A 130 -8.72 1.32 7.89
CA SER A 130 -8.19 2.41 7.08
C SER A 130 -8.50 2.02 5.63
N SER A 131 -8.91 3.00 4.82
CA SER A 131 -9.32 2.68 3.46
C SER A 131 -9.05 3.79 2.46
N CYS A 132 -8.67 3.37 1.26
CA CYS A 132 -8.75 4.24 0.09
C CYS A 132 -9.58 3.50 -0.97
N PRO A 133 -10.91 3.74 -0.99
CA PRO A 133 -11.83 2.98 -1.85
C PRO A 133 -12.00 3.58 -3.24
N ALA A 134 -11.52 4.81 -3.43
CA ALA A 134 -11.75 5.53 -4.70
C ALA A 134 -10.76 5.07 -5.74
N ASN A 135 -11.19 5.07 -7.01
CA ASN A 135 -10.23 4.87 -8.09
C ASN A 135 -9.58 6.20 -8.46
N VAL A 136 -8.53 6.53 -7.72
CA VAL A 136 -7.86 7.80 -7.86
C VAL A 136 -7.30 8.01 -9.26
N ASN A 137 -7.03 6.92 -9.97
CA ASN A 137 -6.53 7.03 -11.34
C ASN A 137 -7.48 7.86 -12.21
N LYS A 138 -8.77 7.77 -11.94
CA LYS A 138 -9.77 8.50 -12.74
C LYS A 138 -9.69 10.02 -12.63
N VAL A 139 -9.00 10.53 -11.60
CA VAL A 139 -8.92 11.98 -11.34
C VAL A 139 -7.47 12.46 -11.21
N CYS A 140 -6.57 11.66 -11.75
CA CYS A 140 -5.13 11.90 -11.63
C CYS A 140 -4.68 12.92 -12.68
N PRO A 141 -4.13 14.06 -12.24
CA PRO A 141 -3.68 15.06 -13.21
C PRO A 141 -2.42 14.63 -13.97
N ALA A 142 -2.31 15.12 -15.21
CA ALA A 142 -1.27 14.71 -16.15
C ALA A 142 0.14 14.53 -15.58
N PRO A 143 0.65 15.52 -14.82
CA PRO A 143 2.04 15.33 -14.37
C PRO A 143 2.24 14.15 -13.42
N LEU A 144 1.13 13.63 -12.87
CA LEU A 144 1.20 12.50 -11.95
C LEU A 144 0.83 11.16 -12.58
N GLN A 145 0.30 11.20 -13.80
CA GLN A 145 -0.17 9.99 -14.46
C GLN A 145 0.95 9.03 -14.89
N VAL A 146 0.67 7.75 -14.73
CA VAL A 146 1.39 6.68 -15.41
C VAL A 146 0.37 6.01 -16.31
N LYS A 147 0.74 5.83 -17.59
CA LYS A 147 -0.18 5.27 -18.58
C LYS A 147 0.26 3.90 -19.13
N ALA A 148 -0.69 3.02 -19.39
CA ALA A 148 -0.44 1.82 -20.17
C ALA A 148 -0.40 2.18 -21.66
N ALA A 149 0.03 1.23 -22.49
CA ALA A 149 0.11 1.43 -23.95
C ALA A 149 -1.25 1.71 -24.59
N ASP A 150 -2.31 1.10 -24.04
CA ASP A 150 -3.67 1.41 -24.50
C ASP A 150 -4.11 2.84 -24.12
N GLY A 151 -3.24 3.56 -23.41
CA GLY A 151 -3.50 4.95 -23.03
C GLY A 151 -4.28 5.13 -21.74
N SER A 152 -4.61 4.04 -21.06
CA SER A 152 -5.32 4.16 -19.80
C SER A 152 -4.35 4.62 -18.71
N VAL A 153 -4.85 5.40 -17.76
CA VAL A 153 -4.07 5.81 -16.60
C VAL A 153 -4.12 4.64 -15.62
N ILE A 154 -2.94 4.09 -15.28
CA ILE A 154 -2.88 2.87 -14.48
C ILE A 154 -2.35 3.10 -13.07
N SER A 155 -1.74 4.26 -12.87
CA SER A 155 -1.30 4.68 -11.54
CA SER A 155 -1.20 4.68 -11.56
C SER A 155 -1.10 6.20 -11.46
N CYS A 156 -0.98 6.71 -10.24
CA CYS A 156 -0.95 8.13 -10.01
C CYS A 156 0.14 8.41 -9.00
N LYS A 157 1.20 9.07 -9.44
CA LYS A 157 2.31 9.40 -8.55
C LYS A 157 1.90 10.39 -7.47
N SER A 158 2.52 10.30 -6.31
CA SER A 158 2.42 11.41 -5.36
C SER A 158 3.32 12.54 -5.86
N ALA A 159 3.08 13.75 -5.37
CA ALA A 159 3.90 14.91 -5.75
C ALA A 159 5.35 14.73 -5.31
N CYS A 160 5.57 14.12 -4.15
CA CYS A 160 6.94 13.79 -3.73
C CYS A 160 7.65 12.92 -4.79
N LEU A 161 6.97 11.85 -5.24
CA LEU A 161 7.53 10.99 -6.27
C LEU A 161 7.75 11.69 -7.58
N ALA A 162 6.78 12.50 -8.00
CA ALA A 162 6.81 13.13 -9.33
C ALA A 162 7.76 14.31 -9.38
N PHE A 163 7.81 15.10 -8.31
CA PHE A 163 8.51 16.40 -8.36
C PHE A 163 9.69 16.49 -7.41
N GLY A 164 9.56 15.88 -6.25
CA GLY A 164 10.65 15.79 -5.28
C GLY A 164 10.84 16.98 -4.37
N ASP A 165 10.11 18.08 -4.59
CA ASP A 165 10.28 19.29 -3.76
C ASP A 165 10.13 18.98 -2.27
N SER A 166 10.98 19.59 -1.45
CA SER A 166 10.94 19.37 -0.02
C SER A 166 9.55 19.61 0.58
N LYS A 167 8.81 20.55 0.00
CA LYS A 167 7.45 20.83 0.53
C LYS A 167 6.49 19.67 0.29
N TYR A 168 6.86 18.77 -0.64
CA TYR A 168 6.04 17.59 -0.92
C TYR A 168 6.53 16.38 -0.13
N CYS A 169 7.85 16.24 -0.04
CA CYS A 169 8.46 15.08 0.59
C CYS A 169 8.63 15.27 2.10
N CYS A 170 8.47 16.51 2.55
CA CYS A 170 8.63 16.87 3.96
C CYS A 170 10.06 16.63 4.43
N THR A 171 11.01 17.15 3.66
CA THR A 171 12.42 17.05 4.00
C THR A 171 12.92 18.50 4.18
N PRO A 172 14.13 18.71 4.70
CA PRO A 172 14.52 20.11 5.03
C PRO A 172 14.40 21.08 3.84
N PRO A 173 13.90 22.31 4.09
CA PRO A 173 13.57 22.95 5.36
C PRO A 173 12.13 22.67 5.83
N ASN A 174 11.48 21.71 5.20
CA ASN A 174 10.10 21.32 5.49
C ASN A 174 10.04 19.95 6.21
N ASN A 175 11.01 19.71 7.07
CA ASN A 175 11.22 18.39 7.70
C ASN A 175 10.37 18.11 8.96
N THR A 176 9.40 18.97 9.27
CA THR A 176 8.53 18.74 10.44
C THR A 176 7.07 18.89 10.05
N PRO A 177 6.15 18.33 10.86
CA PRO A 177 4.73 18.58 10.52
C PRO A 177 4.38 20.07 10.40
N GLU A 178 4.89 20.88 11.33
CA GLU A 178 4.64 22.32 11.32
C GLU A 178 5.11 23.01 10.04
N THR A 179 6.18 22.50 9.45
CA THR A 179 6.77 23.12 8.25
C THR A 179 6.42 22.39 6.96
N CYS A 180 5.63 21.33 7.08
CA CYS A 180 5.17 20.58 5.90
C CYS A 180 3.65 20.43 5.93
N PRO A 181 2.91 21.50 5.56
CA PRO A 181 1.45 21.37 5.52
C PRO A 181 0.99 20.62 4.27
N PRO A 182 -0.31 20.26 4.21
CA PRO A 182 -0.89 19.67 3.00
C PRO A 182 -0.72 20.60 1.81
N THR A 183 -0.65 20.03 0.61
CA THR A 183 -0.53 20.80 -0.63
C THR A 183 -1.72 20.51 -1.55
N GLU A 184 -1.84 21.27 -2.65
CA GLU A 184 -2.88 21.02 -3.65
C GLU A 184 -2.85 19.56 -4.11
N TYR A 185 -1.64 19.00 -4.25
CA TYR A 185 -1.50 17.62 -4.68
C TYR A 185 -1.90 16.59 -3.63
N SER A 186 -1.44 16.77 -2.40
CA SER A 186 -1.83 15.80 -1.36
C SER A 186 -3.35 15.82 -1.19
N GLU A 187 -3.95 16.99 -1.41
CA GLU A 187 -5.38 17.16 -1.25
C GLU A 187 -6.18 16.40 -2.30
N ILE A 188 -5.59 16.15 -3.47
CA ILE A 188 -6.22 15.25 -4.45
C ILE A 188 -6.51 13.89 -3.79
N PHE A 189 -5.45 13.30 -3.23
CA PHE A 189 -5.55 12.02 -2.55
C PHE A 189 -6.44 12.06 -1.32
N GLU A 190 -6.29 13.11 -0.50
CA GLU A 190 -7.06 13.26 0.73
C GLU A 190 -8.57 13.34 0.47
N LYS A 191 -8.98 14.08 -0.55
CA LYS A 191 -10.41 14.22 -0.85
C LYS A 191 -11.02 12.90 -1.34
N GLN A 192 -10.26 12.15 -2.14
CA GLN A 192 -10.69 10.84 -2.66
C GLN A 192 -10.74 9.79 -1.55
N CYS A 193 -9.76 9.85 -0.65
CA CYS A 193 -9.54 8.80 0.36
C CYS A 193 -9.18 9.40 1.72
N PRO A 194 -10.17 10.00 2.39
CA PRO A 194 -9.92 10.68 3.68
C PRO A 194 -9.46 9.73 4.78
N GLN A 195 -9.80 8.45 4.67
CA GLN A 195 -9.39 7.48 5.69
C GLN A 195 -8.05 6.80 5.34
N ALA A 196 -7.23 7.44 4.51
CA ALA A 196 -5.88 6.98 4.17
C ALA A 196 -4.92 8.14 4.37
N TYR A 197 -3.62 7.88 4.45
CA TYR A 197 -2.65 8.95 4.63
C TYR A 197 -2.27 9.50 3.27
N SER A 198 -2.34 10.84 3.12
CA SER A 198 -2.14 11.48 1.81
C SER A 198 -0.74 12.06 1.59
N TYR A 199 0.02 12.24 2.66
CA TYR A 199 1.42 12.64 2.53
C TYR A 199 2.16 12.28 3.80
N ALA A 200 3.48 12.51 3.81
CA ALA A 200 4.36 12.06 4.90
C ALA A 200 3.90 12.48 6.30
N TYR A 201 3.42 13.70 6.44
CA TYR A 201 3.01 14.22 7.75
C TYR A 201 1.53 14.50 7.81
N ASP A 202 0.75 13.75 7.02
CA ASP A 202 -0.68 13.69 7.24
C ASP A 202 -0.85 13.27 8.71
N ASP A 203 -1.70 13.98 9.42
CA ASP A 203 -1.95 13.74 10.84
C ASP A 203 -2.30 12.27 11.08
N LYS A 204 -1.56 11.61 11.98
CA LYS A 204 -1.75 10.20 12.32
C LYS A 204 -3.12 9.98 12.97
N ASN A 205 -3.75 8.85 12.68
CA ASN A 205 -5.12 8.57 13.13
C ASN A 205 -5.07 7.56 14.26
N SER A 206 -5.45 8.02 15.46
CA SER A 206 -5.31 7.18 16.65
C SER A 206 -6.29 6.00 16.66
N THR A 207 -7.28 6.00 15.77
CA THR A 207 -8.22 4.88 15.68
C THR A 207 -7.67 3.70 14.86
N PHE A 208 -6.55 3.93 14.15
CA PHE A 208 -5.89 2.90 13.35
C PHE A 208 -4.90 2.13 14.25
N THR A 209 -5.43 1.66 15.38
CA THR A 209 -4.65 0.97 16.39
C THR A 209 -5.48 -0.16 16.92
N CYS A 210 -4.84 -1.27 17.29
CA CYS A 210 -5.58 -2.44 17.71
C CYS A 210 -4.65 -3.35 18.49
N SER A 211 -5.03 -3.66 19.74
CA SER A 211 -4.23 -4.50 20.63
C SER A 211 -4.64 -5.97 20.68
N GLY A 212 -3.77 -6.78 21.26
CA GLY A 212 -4.10 -8.16 21.55
C GLY A 212 -4.03 -9.12 20.39
N GLY A 213 -3.16 -8.84 19.41
CA GLY A 213 -2.92 -9.79 18.34
C GLY A 213 -4.09 -10.03 17.40
N PRO A 214 -4.65 -8.96 16.82
CA PRO A 214 -5.70 -9.14 15.81
C PRO A 214 -5.17 -9.81 14.56
N ASP A 215 -6.06 -10.48 13.83
CA ASP A 215 -5.76 -10.83 12.46
C ASP A 215 -6.08 -9.61 11.59
N TYR A 216 -5.77 -9.67 10.29
CA TYR A 216 -6.08 -8.55 9.40
C TYR A 216 -6.72 -9.05 8.12
N VAL A 217 -7.60 -8.22 7.55
CA VAL A 217 -8.07 -8.44 6.19
C VAL A 217 -7.65 -7.23 5.34
N ILE A 218 -6.96 -7.51 4.25
CA ILE A 218 -6.57 -6.49 3.30
C ILE A 218 -7.38 -6.71 2.02
N THR A 219 -8.08 -5.68 1.57
CA THR A 219 -9.02 -5.81 0.45
C THR A 219 -8.62 -4.91 -0.69
N PHE A 220 -8.54 -5.46 -1.89
CA PHE A 220 -8.34 -4.62 -3.07
C PHE A 220 -9.72 -4.27 -3.62
N CYS A 221 -9.90 -3.03 -4.09
CA CYS A 221 -11.22 -2.52 -4.51
C CYS A 221 -12.32 -2.76 -3.45
N PRO A 222 -12.08 -2.32 -2.20
CA PRO A 222 -13.11 -2.51 -1.16
C PRO A 222 -14.43 -1.80 -1.49
#